data_2BCV
#
_entry.id   2BCV
#
_cell.length_a   55.140
_cell.length_b   62.988
_cell.length_c   141.936
_cell.angle_alpha   90.00
_cell.angle_beta   90.00
_cell.angle_gamma   90.00
#
_symmetry.space_group_name_H-M   'P 21 21 21'
#
loop_
_entity.id
_entity.type
_entity.pdbx_description
1 polymer "5'-D(P*GP*CP*CP*G)-3'"
2 polymer "5'-D(*CP*AP*GP*TP*AP*(O2C))-3'"
3 polymer "5'-D(*CP*GP*GP*CP*AP*GP*TP*TP*AP*CP*TP*G)-3'"
4 polymer 'DNA polymerase lambda'
5 non-polymer 'MAGNESIUM ION'
6 non-polymer 'SODIUM ION'
7 non-polymer "THYMIDINE-5'-TRIPHOSPHATE"
8 water water
#
loop_
_entity_poly.entity_id
_entity_poly.type
_entity_poly.pdbx_seq_one_letter_code
_entity_poly.pdbx_strand_id
1 'polydeoxyribonucleotide' (DG)(DC)(DC)(DG) D
2 'polydeoxyribonucleotide' (DC)(DA)(DG)(DT)(DA)(O2C) P
3 'polydeoxyribonucleotide' (DC)(DG)(DG)(DC)(DA)(DG)(DT)(DT)(DA)(DC)(DT)(DG) T
4 'polypeptide(L)'
;MAQPSSQKATNHNLHITEKLEVLAKAYSVQGDKWRALGYAKAINALKSFHKPVTSYQEACSIPGIGKRMAEKIIEILESG
HLRKLDHISESVPVLELFSNIWGAGTKTAQMWYQQGFRSLEDIRSQASLTTQQAIGLKHYSDFLERMPREEATEIEQTVQ
KAAQAFNSGLLCVACGSYRRGKATCGDVDVLITHPDGRSHRGIFSRLLDSLRQEGFLTDDLVSQEENGQQQKYLGVCRLP
GPGRRHRRLDIIVVPYSEFACALLYFTGSAHFNRSMRALAKTKGMSLSEHALSTAVVRNTHGCKVGPGRVLPTPTEKDVF
RLLGLPYREPAERDW
;
A
#
loop_
_chem_comp.id
_chem_comp.type
_chem_comp.name
_chem_comp.formula
DA DNA linking 2'-DEOXYADENOSINE-5'-MONOPHOSPHATE 'C10 H14 N5 O6 P'
DC DNA linking 2'-DEOXYCYTIDINE-5'-MONOPHOSPHATE 'C9 H14 N3 O7 P'
DG DNA linking 2'-DEOXYGUANOSINE-5'-MONOPHOSPHATE 'C10 H14 N5 O7 P'
DT DNA linking THYMIDINE-5'-MONOPHOSPHATE 'C10 H15 N2 O8 P'
MG non-polymer 'MAGNESIUM ION' 'Mg 2'
NA non-polymer 'SODIUM ION' 'Na 1'
O2C RNA linking 3'-DEOXY-CYTIDINE-5'-MONOPHOSPHATE 'C9 H14 N3 O7 P'
TTP non-polymer THYMIDINE-5'-TRIPHOSPHATE 'C10 H17 N2 O14 P3'
#
# COMPACT_ATOMS: atom_id res chain seq x y z
P O2C B 6 -4.28 -1.02 3.77
O1P O2C B 6 -3.72 -2.05 4.67
O2P O2C B 6 -3.59 0.29 3.63
O5' O2C B 6 -4.46 -1.64 2.31
C5' O2C B 6 -4.92 -2.98 2.14
C4' O2C B 6 -4.82 -3.37 0.69
O4' O2C B 6 -5.76 -2.58 -0.09
C1' O2C B 6 -5.22 -2.32 -1.38
N1 O2C B 6 -5.17 -0.87 -1.60
C6 O2C B 6 -5.07 0.00 -0.54
C2 O2C B 6 -5.23 -0.38 -2.90
O2 O2C B 6 -5.28 -1.18 -3.84
N3 O2C B 6 -5.26 0.96 -3.11
C4 O2C B 6 -5.19 1.79 -2.08
N4 O2C B 6 -5.26 3.10 -2.33
C5 O2C B 6 -5.07 1.33 -0.73
C2' O2C B 6 -3.86 -3.03 -1.45
O2' O2C B 6 -4.03 -4.33 -2.00
C3' O2C B 6 -3.48 -3.10 0.02
N ASN D 13 21.25 8.27 1.10
CA ASN D 13 21.87 9.63 1.13
C ASN D 13 20.92 10.84 1.28
N LEU D 14 21.48 11.94 1.77
CA LEU D 14 20.78 13.22 1.96
C LEU D 14 19.80 13.38 3.14
N HIS D 15 20.34 13.63 4.33
CA HIS D 15 19.50 13.82 5.50
C HIS D 15 18.83 15.20 5.52
N ILE D 16 18.81 15.88 4.38
CA ILE D 16 18.10 17.17 4.27
C ILE D 16 16.67 16.70 4.00
N THR D 17 16.49 15.38 3.98
CA THR D 17 15.20 14.77 3.74
C THR D 17 14.41 14.56 5.03
N GLU D 18 15.04 13.96 6.02
CA GLU D 18 14.34 13.72 7.27
C GLU D 18 13.58 14.95 7.75
N LYS D 19 14.03 16.14 7.34
CA LYS D 19 13.36 17.39 7.72
C LYS D 19 12.15 17.67 6.80
N LEU D 20 12.25 17.28 5.53
CA LEU D 20 11.14 17.46 4.61
C LEU D 20 10.10 16.36 4.85
N GLU D 21 10.57 15.20 5.30
CA GLU D 21 9.69 14.08 5.59
C GLU D 21 8.70 14.48 6.68
N VAL D 22 9.15 15.38 7.57
CA VAL D 22 8.32 15.85 8.65
C VAL D 22 7.17 16.69 8.09
N LEU D 23 7.48 17.58 7.15
CA LEU D 23 6.47 18.42 6.52
C LEU D 23 5.52 17.57 5.69
N ALA D 24 6.06 16.53 5.07
CA ALA D 24 5.27 15.63 4.23
C ALA D 24 4.17 14.96 5.04
N LYS D 25 4.55 14.37 6.17
CA LYS D 25 3.60 13.68 7.04
C LYS D 25 2.59 14.66 7.60
N ALA D 26 3.05 15.85 7.94
CA ALA D 26 2.18 16.89 8.50
C ALA D 26 1.07 17.24 7.51
N TYR D 27 1.45 17.50 6.26
CA TYR D 27 0.47 17.83 5.23
C TYR D 27 -0.46 16.65 5.01
N SER D 28 0.12 15.45 4.98
CA SER D 28 -0.66 14.24 4.76
C SER D 28 -1.72 14.00 5.82
N VAL D 29 -1.33 14.00 7.09
CA VAL D 29 -2.32 13.78 8.15
C VAL D 29 -3.36 14.89 8.17
N GLN D 30 -2.99 16.08 7.69
CA GLN D 30 -3.94 17.18 7.64
C GLN D 30 -4.84 17.11 6.41
N GLY D 31 -4.64 16.08 5.58
CA GLY D 31 -5.49 15.93 4.41
C GLY D 31 -5.07 16.62 3.12
N ASP D 32 -3.95 17.34 3.13
CA ASP D 32 -3.47 18.01 1.93
C ASP D 32 -2.68 16.98 1.13
N LYS D 33 -3.38 15.97 0.63
CA LYS D 33 -2.73 14.88 -0.10
C LYS D 33 -1.84 15.24 -1.28
N TRP D 34 -2.27 16.19 -2.11
CA TRP D 34 -1.47 16.58 -3.26
C TRP D 34 -0.16 17.27 -2.88
N ARG D 35 -0.22 18.20 -1.93
CA ARG D 35 0.98 18.88 -1.49
C ARG D 35 1.91 17.83 -0.90
N ALA D 36 1.34 16.90 -0.13
CA ALA D 36 2.09 15.82 0.48
C ALA D 36 2.72 14.95 -0.61
N LEU D 37 1.97 14.72 -1.68
CA LEU D 37 2.48 13.91 -2.78
C LEU D 37 3.72 14.63 -3.33
N GLY D 38 3.57 15.94 -3.54
CA GLY D 38 4.68 16.72 -4.05
C GLY D 38 5.92 16.52 -3.19
N TYR D 39 5.75 16.63 -1.88
CA TYR D 39 6.88 16.44 -0.99
C TYR D 39 7.45 15.03 -1.09
N ALA D 40 6.56 14.04 -1.12
CA ALA D 40 6.97 12.64 -1.22
C ALA D 40 7.86 12.44 -2.44
N LYS D 41 7.47 13.04 -3.56
CA LYS D 41 8.24 12.93 -4.80
C LYS D 41 9.62 13.57 -4.63
N ALA D 42 9.64 14.80 -4.12
CA ALA D 42 10.88 15.53 -3.89
C ALA D 42 11.80 14.77 -2.93
N ILE D 43 11.23 14.31 -1.82
CA ILE D 43 12.00 13.56 -0.83
C ILE D 43 12.57 12.30 -1.47
N ASN D 44 11.77 11.68 -2.33
CA ASN D 44 12.17 10.45 -3.02
C ASN D 44 13.32 10.71 -3.98
N ALA D 45 13.24 11.82 -4.71
CA ALA D 45 14.28 12.17 -5.67
C ALA D 45 15.62 12.39 -4.96
N LEU D 46 15.57 13.09 -3.84
CA LEU D 46 16.76 13.37 -3.06
C LEU D 46 17.41 12.08 -2.57
N LYS D 47 16.60 11.19 -2.00
CA LYS D 47 17.10 9.92 -1.49
C LYS D 47 17.60 9.01 -2.61
N SER D 48 17.23 9.32 -3.85
CA SER D 48 17.62 8.50 -5.01
C SER D 48 18.79 9.03 -5.83
N PHE D 49 19.32 10.19 -5.47
CA PHE D 49 20.44 10.76 -6.22
C PHE D 49 21.78 10.20 -5.70
N HIS D 50 22.82 10.28 -6.53
CA HIS D 50 24.14 9.74 -6.19
C HIS D 50 25.08 10.58 -5.32
N LYS D 51 24.80 11.88 -5.16
CA LYS D 51 25.69 12.71 -4.36
C LYS D 51 24.99 13.80 -3.55
N PRO D 52 25.56 14.16 -2.39
CA PRO D 52 25.00 15.19 -1.51
C PRO D 52 24.76 16.50 -2.25
N VAL D 53 23.59 17.08 -2.03
CA VAL D 53 23.24 18.35 -2.68
C VAL D 53 23.85 19.52 -1.90
N THR D 54 24.51 20.42 -2.63
CA THR D 54 25.15 21.57 -2.01
C THR D 54 25.08 22.79 -2.93
N SER D 55 23.92 23.03 -3.51
CA SER D 55 23.74 24.16 -4.41
C SER D 55 22.28 24.32 -4.82
N TYR D 56 21.80 25.55 -4.82
CA TYR D 56 20.43 25.84 -5.20
C TYR D 56 20.14 25.32 -6.60
N GLN D 57 21.01 25.68 -7.54
CA GLN D 57 20.85 25.25 -8.93
C GLN D 57 20.90 23.73 -9.04
N GLU D 58 21.69 23.10 -8.18
CA GLU D 58 21.82 21.65 -8.18
C GLU D 58 20.52 20.98 -7.74
N ALA D 59 19.71 21.74 -6.98
CA ALA D 59 18.44 21.23 -6.48
C ALA D 59 17.33 21.32 -7.52
N CYS D 60 17.20 22.48 -8.16
CA CYS D 60 16.20 22.69 -9.18
C CYS D 60 16.40 21.74 -10.35
N SER D 61 17.66 21.47 -10.67
CA SER D 61 18.01 20.59 -11.77
C SER D 61 17.39 19.20 -11.61
N ILE D 62 17.23 18.78 -10.36
CA ILE D 62 16.67 17.47 -10.07
C ILE D 62 15.17 17.41 -10.37
N PRO D 63 14.75 16.40 -11.16
CA PRO D 63 13.33 16.27 -11.52
C PRO D 63 12.53 15.88 -10.27
N GLY D 64 11.54 16.69 -9.94
CA GLY D 64 10.72 16.43 -8.77
C GLY D 64 10.97 17.51 -7.75
N ILE D 65 11.95 18.36 -8.03
CA ILE D 65 12.30 19.47 -7.15
C ILE D 65 12.13 20.79 -7.90
N GLY D 66 11.26 21.65 -7.39
CA GLY D 66 11.03 22.94 -8.01
C GLY D 66 11.62 24.06 -7.20
N LYS D 67 11.32 25.30 -7.58
CA LYS D 67 11.84 26.48 -6.87
C LYS D 67 11.50 26.45 -5.39
N ARG D 68 10.23 26.23 -5.08
CA ARG D 68 9.76 26.19 -3.71
C ARG D 68 10.54 25.16 -2.88
N MET D 69 10.61 23.93 -3.37
CA MET D 69 11.31 22.86 -2.67
C MET D 69 12.81 23.15 -2.53
N ALA D 70 13.44 23.55 -3.63
CA ALA D 70 14.86 23.85 -3.62
C ALA D 70 15.11 24.99 -2.63
N GLU D 71 14.26 26.00 -2.71
CA GLU D 71 14.35 27.17 -1.84
C GLU D 71 14.41 26.73 -0.38
N LYS D 72 13.73 25.65 -0.06
CA LYS D 72 13.71 25.13 1.30
C LYS D 72 14.96 24.30 1.57
N ILE D 73 15.47 23.65 0.52
CA ILE D 73 16.67 22.84 0.66
C ILE D 73 17.85 23.78 0.94
N ILE D 74 17.81 24.96 0.34
CA ILE D 74 18.87 25.95 0.53
C ILE D 74 19.03 26.25 2.02
N GLU D 75 17.92 26.61 2.67
CA GLU D 75 17.95 26.92 4.10
C GLU D 75 18.42 25.73 4.93
N ILE D 76 17.99 24.53 4.55
CA ILE D 76 18.37 23.33 5.27
C ILE D 76 19.90 23.20 5.30
N LEU D 77 20.56 23.87 4.37
CA LEU D 77 22.01 23.83 4.28
C LEU D 77 22.63 25.15 4.76
N GLU D 78 22.02 26.26 4.37
CA GLU D 78 22.51 27.59 4.74
C GLU D 78 22.15 27.96 6.18
N SER D 79 21.18 27.25 6.75
CA SER D 79 20.75 27.51 8.12
C SER D 79 20.81 26.26 9.00
N GLY D 80 20.68 25.10 8.38
CA GLY D 80 20.72 23.85 9.13
C GLY D 80 19.39 23.57 9.81
N HIS D 81 18.41 24.45 9.58
CA HIS D 81 17.09 24.31 10.16
C HIS D 81 16.06 24.95 9.24
N LEU D 82 14.86 24.37 9.21
CA LEU D 82 13.78 24.89 8.36
C LEU D 82 12.75 25.63 9.22
N ARG D 83 12.72 26.95 9.07
CA ARG D 83 11.80 27.80 9.83
C ARG D 83 10.35 27.32 9.74
N LYS D 84 10.00 26.72 8.61
CA LYS D 84 8.64 26.24 8.39
C LYS D 84 8.25 25.17 9.40
N LEU D 85 9.22 24.39 9.87
CA LEU D 85 8.96 23.34 10.83
C LEU D 85 8.54 23.87 12.19
N ASP D 86 9.10 25.02 12.58
CA ASP D 86 8.78 25.62 13.86
C ASP D 86 7.39 26.27 13.87
N HIS D 87 6.61 26.01 12.82
CA HIS D 87 5.27 26.59 12.71
C HIS D 87 4.19 25.55 12.41
N ILE D 88 4.54 24.28 12.52
CA ILE D 88 3.57 23.21 12.26
C ILE D 88 2.62 23.10 13.44
N SER D 89 1.32 23.02 13.16
CA SER D 89 0.31 22.93 14.20
C SER D 89 0.62 21.86 15.24
N GLU D 90 0.25 22.13 16.48
CA GLU D 90 0.46 21.20 17.58
C GLU D 90 -0.46 19.98 17.42
N SER D 91 -1.47 20.13 16.58
CA SER D 91 -2.44 19.07 16.32
C SER D 91 -1.87 17.89 15.54
N VAL D 92 -0.87 18.16 14.71
CA VAL D 92 -0.28 17.13 13.86
C VAL D 92 0.11 15.80 14.52
N PRO D 93 0.85 15.84 15.64
CA PRO D 93 1.23 14.56 16.27
C PRO D 93 0.01 13.76 16.69
N VAL D 94 -1.03 14.46 17.13
CA VAL D 94 -2.25 13.80 17.54
C VAL D 94 -3.00 13.23 16.34
N LEU D 95 -3.02 13.97 15.23
CA LEU D 95 -3.70 13.50 14.02
C LEU D 95 -2.99 12.25 13.52
N GLU D 96 -1.67 12.24 13.62
CA GLU D 96 -0.87 11.10 13.18
C GLU D 96 -1.21 9.92 14.08
N LEU D 97 -1.31 10.17 15.39
CA LEU D 97 -1.63 9.11 16.34
C LEU D 97 -2.98 8.49 15.99
N PHE D 98 -3.98 9.35 15.78
CA PHE D 98 -5.33 8.92 15.45
C PHE D 98 -5.40 8.24 14.08
N SER D 99 -4.79 8.85 13.07
CA SER D 99 -4.86 8.25 11.74
C SER D 99 -4.02 6.97 11.61
N ASN D 100 -3.33 6.58 12.67
CA ASN D 100 -2.57 5.34 12.60
C ASN D 100 -3.44 4.18 13.11
N ILE D 101 -4.68 4.50 13.46
CA ILE D 101 -5.62 3.47 13.90
C ILE D 101 -6.19 2.92 12.58
N TRP D 102 -6.12 1.61 12.37
CA TRP D 102 -6.65 1.02 11.12
C TRP D 102 -8.13 1.37 10.96
N GLY D 103 -8.50 1.96 9.82
CA GLY D 103 -9.89 2.30 9.60
C GLY D 103 -10.19 3.78 9.83
N ALA D 104 -9.20 4.51 10.33
CA ALA D 104 -9.38 5.94 10.56
C ALA D 104 -8.40 6.70 9.67
N GLY D 105 -8.90 7.67 8.92
CA GLY D 105 -8.02 8.44 8.06
C GLY D 105 -7.96 9.87 8.53
N THR D 106 -7.54 10.76 7.64
N THR D 106 -7.55 10.77 7.65
CA THR D 106 -7.44 12.18 7.99
CA THR D 106 -7.44 12.17 8.02
C THR D 106 -8.77 12.79 8.43
C THR D 106 -8.78 12.80 8.44
N LYS D 107 -9.85 12.46 7.74
CA LYS D 107 -11.15 13.03 8.09
C LYS D 107 -11.59 12.66 9.50
N THR D 108 -11.43 11.39 9.87
CA THR D 108 -11.81 10.94 11.20
C THR D 108 -10.87 11.53 12.25
N ALA D 109 -9.57 11.52 11.97
CA ALA D 109 -8.59 12.07 12.91
C ALA D 109 -8.90 13.54 13.19
N GLN D 110 -9.17 14.32 12.15
CA GLN D 110 -9.49 15.73 12.35
C GLN D 110 -10.78 15.92 13.12
N MET D 111 -11.76 15.05 12.86
CA MET D 111 -13.04 15.16 13.56
C MET D 111 -12.82 14.91 15.04
N TRP D 112 -12.13 13.81 15.37
CA TRP D 112 -11.86 13.49 16.76
C TRP D 112 -11.09 14.60 17.46
N TYR D 113 -10.14 15.19 16.75
CA TYR D 113 -9.34 16.26 17.33
C TYR D 113 -10.23 17.49 17.59
N GLN D 114 -11.08 17.81 16.62
CA GLN D 114 -11.97 18.95 16.76
C GLN D 114 -12.87 18.73 17.97
N GLN D 115 -13.23 17.47 18.23
CA GLN D 115 -14.09 17.15 19.36
C GLN D 115 -13.33 17.11 20.68
N GLY D 116 -12.04 17.44 20.65
CA GLY D 116 -11.28 17.46 21.88
C GLY D 116 -10.47 16.22 22.24
N PHE D 117 -10.56 15.15 21.44
CA PHE D 117 -9.80 13.94 21.75
C PHE D 117 -8.31 14.25 21.55
N ARG D 118 -7.47 13.74 22.44
CA ARG D 118 -6.05 14.00 22.34
C ARG D 118 -5.17 12.75 22.52
N SER D 119 -5.78 11.65 22.93
CA SER D 119 -5.02 10.43 23.15
C SER D 119 -5.87 9.21 22.84
N LEU D 120 -5.23 8.05 22.78
CA LEU D 120 -5.96 6.83 22.50
C LEU D 120 -6.89 6.47 23.64
N GLU D 121 -6.53 6.89 24.85
CA GLU D 121 -7.38 6.63 26.01
C GLU D 121 -8.67 7.41 25.79
N ASP D 122 -8.55 8.62 25.25
CA ASP D 122 -9.72 9.45 24.95
C ASP D 122 -10.57 8.75 23.90
N ILE D 123 -9.92 8.16 22.91
CA ILE D 123 -10.62 7.46 21.84
C ILE D 123 -11.30 6.21 22.41
N ARG D 124 -10.54 5.44 23.18
CA ARG D 124 -11.05 4.21 23.78
C ARG D 124 -12.28 4.43 24.63
N SER D 125 -12.27 5.50 25.41
CA SER D 125 -13.38 5.77 26.32
C SER D 125 -14.53 6.64 25.81
N GLN D 126 -14.26 7.54 24.87
CA GLN D 126 -15.33 8.44 24.41
C GLN D 126 -15.69 8.44 22.93
N ALA D 127 -14.82 7.95 22.07
CA ALA D 127 -15.10 7.96 20.65
C ALA D 127 -16.03 6.84 20.21
N SER D 128 -16.80 7.13 19.15
CA SER D 128 -17.72 6.15 18.59
C SER D 128 -16.94 5.46 17.48
N LEU D 129 -16.50 4.24 17.73
CA LEU D 129 -15.69 3.50 16.77
C LEU D 129 -16.46 2.55 15.86
N THR D 130 -15.98 2.44 14.62
CA THR D 130 -16.57 1.51 13.68
C THR D 130 -15.96 0.17 14.05
N THR D 131 -16.54 -0.91 13.54
CA THR D 131 -16.02 -2.24 13.82
C THR D 131 -14.53 -2.33 13.46
N GLN D 132 -14.16 -1.79 12.29
CA GLN D 132 -12.76 -1.84 11.87
C GLN D 132 -11.84 -1.04 12.79
N GLN D 133 -12.28 0.15 13.20
CA GLN D 133 -11.47 0.98 14.07
C GLN D 133 -11.29 0.37 15.44
N ALA D 134 -12.32 -0.32 15.93
CA ALA D 134 -12.23 -0.97 17.24
C ALA D 134 -11.16 -2.06 17.14
N ILE D 135 -11.11 -2.74 16.00
CA ILE D 135 -10.10 -3.79 15.82
C ILE D 135 -8.73 -3.14 15.71
N GLY D 136 -8.67 -2.03 15.01
CA GLY D 136 -7.41 -1.33 14.84
C GLY D 136 -6.85 -0.85 16.18
N LEU D 137 -7.72 -0.36 17.05
CA LEU D 137 -7.27 0.12 18.35
C LEU D 137 -6.82 -1.06 19.21
N LYS D 138 -7.54 -2.16 19.13
CA LYS D 138 -7.20 -3.35 19.91
C LYS D 138 -5.80 -3.86 19.54
N HIS D 139 -5.40 -3.66 18.29
CA HIS D 139 -4.08 -4.11 17.83
C HIS D 139 -3.22 -2.93 17.39
N TYR D 140 -3.41 -1.77 18.01
CA TYR D 140 -2.67 -0.58 17.64
C TYR D 140 -1.16 -0.78 17.45
N SER D 141 -0.47 -1.30 18.47
CA SER D 141 0.97 -1.50 18.37
C SER D 141 1.35 -2.58 17.36
N ASP D 142 0.63 -3.70 17.39
CA ASP D 142 0.93 -4.77 16.44
C ASP D 142 0.81 -4.30 14.99
N PHE D 143 -0.18 -3.47 14.71
CA PHE D 143 -0.37 -2.97 13.35
C PHE D 143 0.70 -1.98 12.89
N LEU D 144 1.50 -1.50 13.83
CA LEU D 144 2.56 -0.57 13.48
C LEU D 144 3.90 -1.30 13.34
N GLU D 145 3.89 -2.59 13.66
CA GLU D 145 5.11 -3.39 13.56
C GLU D 145 5.17 -4.26 12.30
N ARG D 146 6.38 -4.52 11.85
CA ARG D 146 6.59 -5.35 10.68
C ARG D 146 7.08 -6.70 11.17
N MET D 147 6.87 -7.74 10.38
CA MET D 147 7.30 -9.08 10.77
C MET D 147 8.48 -9.50 9.91
N PRO D 148 9.32 -10.41 10.42
CA PRO D 148 10.46 -10.87 9.62
C PRO D 148 9.83 -11.66 8.47
N ARG D 149 10.42 -11.61 7.28
CA ARG D 149 9.82 -12.31 6.15
C ARG D 149 9.62 -13.79 6.42
N GLU D 150 10.43 -14.35 7.30
N GLU D 150 10.41 -14.39 7.29
CA GLU D 150 10.32 -15.76 7.64
CA GLU D 150 10.23 -15.81 7.55
C GLU D 150 8.91 -16.07 8.16
C GLU D 150 8.85 -16.10 8.16
N GLU D 151 8.40 -15.20 9.03
CA GLU D 151 7.07 -15.40 9.58
C GLU D 151 6.02 -15.24 8.48
N ALA D 152 6.28 -14.34 7.53
CA ALA D 152 5.36 -14.13 6.43
C ALA D 152 5.22 -15.45 5.66
N THR D 153 6.33 -16.17 5.53
CA THR D 153 6.33 -17.45 4.83
C THR D 153 5.37 -18.43 5.52
N GLU D 154 5.48 -18.53 6.84
CA GLU D 154 4.62 -19.45 7.58
C GLU D 154 3.15 -19.11 7.39
N ILE D 155 2.84 -17.82 7.36
CA ILE D 155 1.46 -17.40 7.19
C ILE D 155 0.97 -17.73 5.78
N GLU D 156 1.78 -17.44 4.78
CA GLU D 156 1.40 -17.74 3.40
C GLU D 156 1.18 -19.25 3.29
N GLN D 157 2.08 -20.01 3.89
CA GLN D 157 2.00 -21.46 3.86
C GLN D 157 0.73 -21.93 4.55
N THR D 158 0.38 -21.28 5.65
CA THR D 158 -0.83 -21.65 6.38
C THR D 158 -2.06 -21.46 5.49
N VAL D 159 -2.08 -20.38 4.73
CA VAL D 159 -3.21 -20.08 3.84
C VAL D 159 -3.25 -21.05 2.66
N GLN D 160 -2.08 -21.32 2.08
CA GLN D 160 -1.97 -22.22 0.95
C GLN D 160 -2.40 -23.65 1.31
N LYS D 161 -2.05 -24.07 2.53
CA LYS D 161 -2.40 -25.40 2.99
C LYS D 161 -3.90 -25.55 3.14
N ALA D 162 -4.54 -24.53 3.70
CA ALA D 162 -5.98 -24.54 3.89
C ALA D 162 -6.69 -24.47 2.53
N ALA D 163 -6.11 -23.73 1.60
CA ALA D 163 -6.70 -23.60 0.27
C ALA D 163 -6.62 -24.90 -0.52
N GLN D 164 -5.41 -25.43 -0.67
CA GLN D 164 -5.20 -26.66 -1.43
C GLN D 164 -5.80 -27.88 -0.74
N ALA D 165 -6.33 -27.69 0.47
CA ALA D 165 -6.94 -28.78 1.21
C ALA D 165 -8.27 -29.16 0.55
N PHE D 166 -8.96 -28.18 -0.02
CA PHE D 166 -10.23 -28.47 -0.68
C PHE D 166 -10.13 -28.37 -2.21
N ASN D 167 -8.94 -28.02 -2.70
CA ASN D 167 -8.68 -27.93 -4.13
C ASN D 167 -7.17 -27.76 -4.34
N SER D 168 -6.49 -28.88 -4.52
CA SER D 168 -5.04 -28.90 -4.70
C SER D 168 -4.57 -28.16 -5.95
N GLY D 169 -5.50 -27.75 -6.80
CA GLY D 169 -5.12 -27.05 -8.01
C GLY D 169 -4.95 -25.56 -7.82
N LEU D 170 -5.46 -25.02 -6.71
CA LEU D 170 -5.36 -23.59 -6.43
C LEU D 170 -3.92 -23.11 -6.33
N LEU D 171 -3.61 -22.04 -7.04
CA LEU D 171 -2.29 -21.47 -7.04
C LEU D 171 -2.23 -20.30 -6.02
N CYS D 172 -1.33 -20.40 -5.05
CA CYS D 172 -1.18 -19.38 -4.02
C CYS D 172 0.20 -18.74 -4.09
N VAL D 173 0.24 -17.42 -4.20
CA VAL D 173 1.51 -16.70 -4.29
C VAL D 173 1.58 -15.54 -3.31
N ALA D 174 2.66 -15.47 -2.54
CA ALA D 174 2.84 -14.38 -1.59
C ALA D 174 3.35 -13.21 -2.44
N CYS D 175 2.71 -12.05 -2.32
CA CYS D 175 3.11 -10.89 -3.11
C CYS D 175 3.60 -9.75 -2.24
N GLY D 176 3.27 -8.52 -2.63
CA GLY D 176 3.68 -7.35 -1.86
C GLY D 176 5.17 -7.32 -1.54
N SER D 177 5.50 -6.70 -0.42
CA SER D 177 6.89 -6.57 0.01
C SER D 177 7.59 -7.93 0.13
N TYR D 178 6.81 -8.98 0.39
CA TYR D 178 7.40 -10.31 0.51
C TYR D 178 8.05 -10.71 -0.82
N ARG D 179 7.26 -10.65 -1.88
CA ARG D 179 7.76 -11.01 -3.21
C ARG D 179 8.85 -10.06 -3.68
N ARG D 180 8.84 -8.84 -3.17
CA ARG D 180 9.86 -7.88 -3.57
C ARG D 180 11.17 -8.15 -2.82
N GLY D 181 11.16 -9.20 -1.99
CA GLY D 181 12.34 -9.59 -1.25
C GLY D 181 12.74 -8.78 -0.03
N LYS D 182 11.81 -8.02 0.54
CA LYS D 182 12.13 -7.21 1.73
C LYS D 182 12.38 -8.09 2.94
N ALA D 183 13.25 -7.64 3.83
CA ALA D 183 13.58 -8.41 5.03
C ALA D 183 12.39 -8.51 6.00
N THR D 184 11.57 -7.48 6.04
CA THR D 184 10.39 -7.48 6.92
C THR D 184 9.15 -7.09 6.12
N CYS D 185 7.99 -7.49 6.61
CA CYS D 185 6.74 -7.20 5.91
C CYS D 185 5.68 -6.61 6.84
N GLY D 186 4.99 -5.57 6.36
CA GLY D 186 3.94 -4.95 7.15
C GLY D 186 2.85 -5.98 7.41
N ASP D 187 2.47 -6.71 6.36
CA ASP D 187 1.46 -7.76 6.47
C ASP D 187 1.81 -8.85 5.46
N VAL D 188 0.91 -9.80 5.26
CA VAL D 188 1.17 -10.86 4.30
C VAL D 188 0.14 -10.78 3.18
N ASP D 189 0.62 -10.58 1.96
CA ASP D 189 -0.26 -10.48 0.80
C ASP D 189 -0.26 -11.78 0.03
N VAL D 190 -1.41 -12.47 0.03
CA VAL D 190 -1.51 -13.74 -0.67
C VAL D 190 -2.48 -13.67 -1.84
N LEU D 191 -2.00 -14.01 -3.02
CA LEU D 191 -2.81 -14.02 -4.23
C LEU D 191 -3.20 -15.47 -4.53
N ILE D 192 -4.51 -15.69 -4.69
CA ILE D 192 -5.01 -17.02 -4.97
C ILE D 192 -5.75 -17.03 -6.30
N THR D 193 -5.49 -18.05 -7.11
CA THR D 193 -6.14 -18.20 -8.40
C THR D 193 -6.11 -19.69 -8.77
N HIS D 194 -6.66 -20.04 -9.92
CA HIS D 194 -6.66 -21.43 -10.36
C HIS D 194 -6.42 -21.50 -11.86
N PRO D 195 -5.41 -22.30 -12.27
CA PRO D 195 -5.06 -22.46 -13.68
C PRO D 195 -6.19 -22.80 -14.65
N ASP D 196 -7.26 -23.44 -14.16
CA ASP D 196 -8.37 -23.79 -15.03
C ASP D 196 -9.30 -22.63 -15.33
N GLY D 197 -9.01 -21.47 -14.73
CA GLY D 197 -9.81 -20.28 -14.96
C GLY D 197 -11.23 -20.22 -14.45
N ARG D 198 -11.63 -21.17 -13.60
CA ARG D 198 -12.99 -21.16 -13.08
C ARG D 198 -13.12 -21.62 -11.64
N SER D 199 -12.18 -22.46 -11.19
CA SER D 199 -12.22 -23.00 -9.84
C SER D 199 -11.88 -22.01 -8.73
N HIS D 200 -11.71 -20.74 -9.08
CA HIS D 200 -11.39 -19.73 -8.09
C HIS D 200 -12.67 -19.12 -7.52
N ARG D 201 -13.77 -19.30 -8.24
CA ARG D 201 -15.07 -18.76 -7.83
C ARG D 201 -15.64 -19.30 -6.52
N GLY D 202 -16.06 -18.39 -5.66
CA GLY D 202 -16.65 -18.76 -4.39
C GLY D 202 -15.81 -19.61 -3.44
N ILE D 203 -14.51 -19.35 -3.36
CA ILE D 203 -13.65 -20.12 -2.47
C ILE D 203 -13.46 -19.44 -1.10
N PHE D 204 -13.56 -18.12 -1.06
CA PHE D 204 -13.39 -17.39 0.19
C PHE D 204 -14.17 -18.05 1.32
N SER D 205 -15.46 -18.27 1.08
CA SER D 205 -16.33 -18.90 2.06
C SER D 205 -15.66 -20.11 2.72
N ARG D 206 -15.18 -21.03 1.90
CA ARG D 206 -14.52 -22.25 2.41
C ARG D 206 -13.17 -21.99 3.07
N LEU D 207 -12.32 -21.23 2.38
CA LEU D 207 -10.98 -20.92 2.90
C LEU D 207 -11.03 -20.24 4.27
N LEU D 208 -11.81 -19.17 4.36
CA LEU D 208 -11.90 -18.43 5.61
C LEU D 208 -12.47 -19.26 6.76
N ASP D 209 -13.52 -20.03 6.48
CA ASP D 209 -14.13 -20.86 7.52
C ASP D 209 -13.13 -21.92 7.98
N SER D 210 -12.31 -22.38 7.05
CA SER D 210 -11.30 -23.37 7.36
C SER D 210 -10.23 -22.74 8.26
N LEU D 211 -9.79 -21.55 7.88
CA LEU D 211 -8.78 -20.83 8.65
C LEU D 211 -9.31 -20.46 10.03
N ARG D 212 -10.63 -20.26 10.13
CA ARG D 212 -11.26 -19.93 11.39
C ARG D 212 -11.32 -21.18 12.26
N GLN D 213 -11.54 -22.32 11.61
CA GLN D 213 -11.64 -23.60 12.29
C GLN D 213 -10.41 -23.82 13.15
N GLU D 214 -9.23 -23.68 12.55
CA GLU D 214 -7.97 -23.86 13.26
C GLU D 214 -7.59 -22.65 14.12
N GLY D 215 -8.54 -21.74 14.32
CA GLY D 215 -8.28 -20.55 15.13
C GLY D 215 -7.18 -19.63 14.63
N PHE D 216 -6.84 -19.74 13.34
CA PHE D 216 -5.79 -18.92 12.75
C PHE D 216 -6.19 -17.44 12.57
N LEU D 217 -7.42 -17.20 12.11
CA LEU D 217 -7.90 -15.84 11.92
C LEU D 217 -8.45 -15.34 13.25
N THR D 218 -8.17 -14.10 13.61
CA THR D 218 -8.63 -13.54 14.87
C THR D 218 -9.63 -12.38 14.69
N ASP D 219 -9.46 -11.61 13.63
CA ASP D 219 -10.36 -10.49 13.37
C ASP D 219 -10.49 -10.25 11.87
N ASP D 220 -11.68 -9.86 11.43
CA ASP D 220 -11.91 -9.57 10.02
C ASP D 220 -12.09 -8.05 9.89
N LEU D 221 -11.36 -7.45 8.96
CA LEU D 221 -11.46 -6.01 8.74
C LEU D 221 -12.32 -5.70 7.52
N VAL D 222 -12.05 -6.40 6.42
CA VAL D 222 -12.79 -6.24 5.17
C VAL D 222 -13.02 -7.63 4.59
N SER D 223 -14.27 -8.07 4.54
CA SER D 223 -14.57 -9.40 4.01
C SER D 223 -16.04 -9.54 3.65
N GLN D 224 -16.39 -9.19 2.42
CA GLN D 224 -17.80 -9.27 1.99
C GLN D 224 -18.17 -10.70 1.62
N GLU D 225 -18.37 -11.52 2.64
CA GLU D 225 -18.69 -12.93 2.45
C GLU D 225 -20.10 -13.23 1.96
N GLU D 226 -20.94 -12.21 1.86
CA GLU D 226 -22.30 -12.42 1.37
C GLU D 226 -22.29 -12.26 -0.15
N ASN D 227 -21.16 -11.79 -0.68
CA ASN D 227 -21.00 -11.60 -2.12
C ASN D 227 -20.14 -12.73 -2.68
N GLY D 228 -20.72 -13.55 -3.56
CA GLY D 228 -19.97 -14.65 -4.14
C GLY D 228 -18.85 -14.13 -5.04
N GLN D 229 -18.86 -12.83 -5.26
CA GLN D 229 -17.86 -12.16 -6.08
C GLN D 229 -16.80 -11.42 -5.25
N GLN D 230 -16.69 -11.80 -3.99
CA GLN D 230 -15.71 -11.20 -3.08
C GLN D 230 -14.33 -11.27 -3.71
N GLN D 231 -13.60 -10.16 -3.72
CA GLN D 231 -12.28 -10.16 -4.32
C GLN D 231 -11.17 -10.14 -3.28
N LYS D 232 -11.45 -9.62 -2.09
CA LYS D 232 -10.41 -9.54 -1.09
C LYS D 232 -10.85 -9.82 0.33
N TYR D 233 -9.88 -10.19 1.15
CA TYR D 233 -10.10 -10.43 2.56
C TYR D 233 -8.97 -9.70 3.27
N LEU D 234 -9.32 -8.75 4.13
CA LEU D 234 -8.32 -8.04 4.90
C LEU D 234 -8.64 -8.39 6.34
N GLY D 235 -7.67 -8.92 7.06
CA GLY D 235 -7.93 -9.28 8.43
C GLY D 235 -6.71 -9.46 9.28
N VAL D 236 -6.90 -10.19 10.37
CA VAL D 236 -5.84 -10.43 11.35
C VAL D 236 -5.71 -11.91 11.68
N CYS D 237 -4.46 -12.37 11.77
CA CYS D 237 -4.20 -13.75 12.11
C CYS D 237 -3.07 -13.82 13.12
N ARG D 238 -2.86 -15.01 13.68
CA ARG D 238 -1.79 -15.23 14.63
C ARG D 238 -1.40 -16.70 14.63
N LEU D 239 -0.11 -16.97 14.52
CA LEU D 239 0.40 -18.33 14.52
C LEU D 239 0.36 -18.83 15.96
N PRO D 240 0.34 -20.16 16.16
CA PRO D 240 0.31 -20.73 17.50
C PRO D 240 1.67 -20.65 18.21
N GLY D 241 1.67 -20.84 19.52
CA GLY D 241 2.92 -20.81 20.26
C GLY D 241 3.20 -19.49 20.93
N PRO D 242 4.22 -19.42 21.79
CA PRO D 242 4.60 -18.20 22.52
C PRO D 242 5.37 -17.22 21.64
N GLY D 243 5.44 -15.97 22.07
CA GLY D 243 6.15 -14.96 21.33
C GLY D 243 5.50 -14.54 20.03
N ARG D 244 4.27 -14.99 19.80
CA ARG D 244 3.56 -14.65 18.57
C ARG D 244 2.73 -13.37 18.70
N ARG D 245 2.78 -12.53 17.66
CA ARG D 245 2.03 -11.27 17.65
C ARG D 245 0.92 -11.39 16.60
N HIS D 246 -0.12 -10.57 16.73
CA HIS D 246 -1.19 -10.59 15.75
C HIS D 246 -0.63 -9.95 14.49
N ARG D 247 -0.84 -10.61 13.35
CA ARG D 247 -0.33 -10.12 12.07
C ARG D 247 -1.45 -9.84 11.08
N ARG D 248 -1.28 -8.78 10.30
CA ARG D 248 -2.27 -8.42 9.30
C ARG D 248 -2.16 -9.32 8.08
N LEU D 249 -3.32 -9.72 7.56
CA LEU D 249 -3.40 -10.61 6.41
C LEU D 249 -4.24 -9.97 5.30
N ASP D 250 -3.73 -10.06 4.08
CA ASP D 250 -4.40 -9.49 2.92
C ASP D 250 -4.47 -10.55 1.81
N ILE D 251 -5.67 -11.07 1.57
CA ILE D 251 -5.84 -12.12 0.55
C ILE D 251 -6.72 -11.70 -0.61
N ILE D 252 -6.27 -11.96 -1.83
CA ILE D 252 -7.10 -11.67 -2.98
C ILE D 252 -7.24 -12.92 -3.84
N VAL D 253 -8.43 -13.09 -4.42
CA VAL D 253 -8.72 -14.21 -5.29
C VAL D 253 -9.10 -13.62 -6.64
N VAL D 254 -8.35 -13.99 -7.66
CA VAL D 254 -8.59 -13.46 -9.00
C VAL D 254 -8.71 -14.55 -10.05
N PRO D 255 -9.46 -14.28 -11.13
CA PRO D 255 -9.63 -15.26 -12.20
C PRO D 255 -8.29 -15.40 -12.92
N TYR D 256 -7.97 -16.62 -13.36
CA TYR D 256 -6.69 -16.88 -14.02
C TYR D 256 -6.36 -15.95 -15.18
N SER D 257 -7.37 -15.52 -15.91
CA SER D 257 -7.17 -14.63 -17.05
C SER D 257 -6.60 -13.27 -16.64
N GLU D 258 -6.74 -12.95 -15.36
CA GLU D 258 -6.26 -11.68 -14.84
C GLU D 258 -5.01 -11.89 -13.99
N PHE D 259 -4.49 -13.11 -13.99
CA PHE D 259 -3.31 -13.46 -13.20
C PHE D 259 -2.12 -12.49 -13.28
N ALA D 260 -1.65 -12.20 -14.49
CA ALA D 260 -0.51 -11.31 -14.65
C ALA D 260 -0.72 -9.92 -14.05
N CYS D 261 -1.76 -9.24 -14.51
CA CYS D 261 -2.06 -7.90 -14.01
C CYS D 261 -2.27 -7.89 -12.50
N ALA D 262 -2.90 -8.93 -11.98
CA ALA D 262 -3.16 -9.06 -10.55
C ALA D 262 -1.87 -9.26 -9.78
N LEU D 263 -1.01 -10.13 -10.32
CA LEU D 263 0.27 -10.41 -9.70
C LEU D 263 1.13 -9.16 -9.68
N LEU D 264 1.16 -8.45 -10.81
CA LEU D 264 1.94 -7.22 -10.94
C LEU D 264 1.45 -6.21 -9.92
N TYR D 265 0.13 -5.99 -9.91
CA TYR D 265 -0.49 -5.07 -8.98
C TYR D 265 -0.16 -5.40 -7.53
N PHE D 266 -0.46 -6.63 -7.13
CA PHE D 266 -0.27 -7.07 -5.75
C PHE D 266 1.19 -7.10 -5.31
N THR D 267 2.12 -7.15 -6.26
CA THR D 267 3.54 -7.16 -5.94
C THR D 267 4.02 -5.73 -5.65
N GLY D 268 3.43 -4.76 -6.34
CA GLY D 268 3.81 -3.37 -6.13
C GLY D 268 5.25 -3.06 -6.54
N SER D 269 5.87 -2.09 -5.87
CA SER D 269 5.27 -1.33 -4.77
C SER D 269 4.10 -0.46 -5.22
N ALA D 270 3.46 0.20 -4.26
CA ALA D 270 2.33 1.07 -4.57
C ALA D 270 2.81 2.20 -5.48
N HIS D 271 3.96 2.78 -5.15
N HIS D 271 3.97 2.77 -5.16
CA HIS D 271 4.49 3.87 -5.96
CA HIS D 271 4.49 3.87 -5.97
C HIS D 271 4.86 3.36 -7.36
C HIS D 271 4.86 3.36 -7.37
N PHE D 272 5.32 2.12 -7.44
CA PHE D 272 5.67 1.55 -8.72
C PHE D 272 4.42 1.39 -9.58
N ASN D 273 3.34 0.88 -8.98
CA ASN D 273 2.10 0.71 -9.72
C ASN D 273 1.62 2.05 -10.25
N ARG D 274 1.63 3.07 -9.39
CA ARG D 274 1.18 4.41 -9.77
C ARG D 274 2.00 4.94 -10.94
N SER D 275 3.32 4.75 -10.89
CA SER D 275 4.19 5.21 -11.96
C SER D 275 3.86 4.47 -13.26
N MET D 276 3.76 3.15 -13.18
CA MET D 276 3.43 2.33 -14.33
C MET D 276 2.07 2.70 -14.92
N ARG D 277 1.09 2.92 -14.05
CA ARG D 277 -0.25 3.26 -14.53
C ARG D 277 -0.26 4.63 -15.18
N ALA D 278 0.51 5.56 -14.60
CA ALA D 278 0.60 6.91 -15.14
C ALA D 278 1.22 6.85 -16.54
N LEU D 279 2.21 5.97 -16.71
CA LEU D 279 2.87 5.82 -18.01
C LEU D 279 1.87 5.27 -19.01
N ALA D 280 1.19 4.19 -18.64
CA ALA D 280 0.20 3.58 -19.51
C ALA D 280 -0.77 4.63 -20.05
N LYS D 281 -1.19 5.53 -19.17
CA LYS D 281 -2.13 6.60 -19.51
C LYS D 281 -1.58 7.54 -20.58
N THR D 282 -0.32 7.95 -20.46
CA THR D 282 0.28 8.85 -21.43
C THR D 282 0.35 8.20 -22.81
N LYS D 283 0.21 6.88 -22.86
CA LYS D 283 0.26 6.16 -24.13
C LYS D 283 -1.11 5.74 -24.64
N GLY D 284 -2.16 6.35 -24.10
CA GLY D 284 -3.51 6.04 -24.52
C GLY D 284 -4.01 4.70 -24.03
N MET D 285 -3.30 4.13 -23.05
CA MET D 285 -3.67 2.84 -22.49
C MET D 285 -4.14 3.02 -21.05
N SER D 286 -4.47 1.90 -20.40
CA SER D 286 -4.90 1.93 -19.01
C SER D 286 -4.44 0.63 -18.39
N LEU D 287 -3.96 0.71 -17.16
CA LEU D 287 -3.52 -0.49 -16.46
C LEU D 287 -4.16 -0.52 -15.06
N SER D 288 -4.61 -1.70 -14.67
CA SER D 288 -5.21 -1.91 -13.36
C SER D 288 -4.93 -3.34 -12.98
N GLU D 289 -5.33 -3.71 -11.76
CA GLU D 289 -5.13 -5.06 -11.28
C GLU D 289 -5.94 -6.05 -12.10
N HIS D 290 -6.87 -5.53 -12.90
CA HIS D 290 -7.73 -6.37 -13.72
C HIS D 290 -7.20 -6.57 -15.14
N ALA D 291 -6.58 -5.55 -15.71
CA ALA D 291 -6.08 -5.68 -17.08
C ALA D 291 -5.32 -4.49 -17.63
N LEU D 292 -4.67 -4.73 -18.76
CA LEU D 292 -3.94 -3.69 -19.47
C LEU D 292 -4.80 -3.49 -20.71
N SER D 293 -5.21 -2.25 -20.95
CA SER D 293 -6.05 -1.99 -22.11
C SER D 293 -5.45 -0.95 -23.04
N THR D 294 -5.79 -1.07 -24.32
CA THR D 294 -5.30 -0.14 -25.34
C THR D 294 -6.51 0.54 -25.97
N ALA D 295 -6.26 1.63 -26.69
CA ALA D 295 -7.33 2.36 -27.36
C ALA D 295 -8.36 2.87 -26.37
N VAL D 296 -7.90 3.28 -25.20
CA VAL D 296 -8.79 3.79 -24.17
C VAL D 296 -9.24 5.21 -24.52
N VAL D 297 -10.53 5.48 -24.36
CA VAL D 297 -11.07 6.79 -24.66
C VAL D 297 -11.28 7.57 -23.35
N ARG D 298 -10.56 8.68 -23.22
CA ARG D 298 -10.66 9.51 -22.02
C ARG D 298 -11.13 10.92 -22.34
N ASN D 299 -11.75 11.58 -21.36
CA ASN D 299 -12.25 12.93 -21.53
C ASN D 299 -11.15 13.98 -21.38
N THR D 300 -11.58 15.24 -21.32
CA THR D 300 -10.66 16.37 -21.18
C THR D 300 -9.99 16.36 -19.81
N HIS D 301 -10.62 15.70 -18.84
CA HIS D 301 -10.08 15.64 -17.49
C HIS D 301 -9.26 14.37 -17.24
N GLY D 302 -9.19 13.49 -18.24
CA GLY D 302 -8.42 12.27 -18.10
C GLY D 302 -9.18 11.08 -17.56
N CYS D 303 -10.47 11.24 -17.30
CA CYS D 303 -11.27 10.14 -16.78
C CYS D 303 -11.62 9.18 -17.92
N LYS D 304 -11.50 7.88 -17.65
CA LYS D 304 -11.80 6.87 -18.66
C LYS D 304 -13.26 6.85 -19.07
N VAL D 305 -13.55 7.34 -20.28
CA VAL D 305 -14.91 7.36 -20.80
C VAL D 305 -15.18 6.05 -21.55
N GLY D 306 -14.32 5.73 -22.51
CA GLY D 306 -14.47 4.50 -23.27
C GLY D 306 -13.57 3.39 -22.73
N PRO D 307 -14.05 2.14 -22.70
CA PRO D 307 -13.28 1.00 -22.20
C PRO D 307 -12.05 0.58 -22.99
N GLY D 308 -12.07 0.78 -24.31
CA GLY D 308 -10.93 0.38 -25.13
C GLY D 308 -10.90 -1.13 -25.31
N ARG D 309 -9.73 -1.69 -25.57
CA ARG D 309 -9.58 -3.12 -25.77
C ARG D 309 -8.62 -3.74 -24.77
N VAL D 310 -9.00 -4.87 -24.18
CA VAL D 310 -8.15 -5.54 -23.22
C VAL D 310 -7.04 -6.27 -24.00
N LEU D 311 -5.79 -6.02 -23.63
CA LEU D 311 -4.66 -6.66 -24.28
C LEU D 311 -4.30 -7.98 -23.64
N PRO D 312 -3.96 -9.00 -24.44
CA PRO D 312 -3.61 -10.27 -23.81
C PRO D 312 -2.29 -10.11 -23.03
N THR D 313 -2.33 -10.50 -21.76
CA THR D 313 -1.15 -10.40 -20.90
C THR D 313 -1.05 -11.64 -20.01
N PRO D 314 -0.61 -12.76 -20.59
CA PRO D 314 -0.46 -14.03 -19.86
C PRO D 314 0.65 -14.03 -18.82
N THR D 315 1.55 -13.06 -18.90
CA THR D 315 2.67 -12.97 -17.95
C THR D 315 2.98 -11.51 -17.65
N GLU D 316 3.68 -11.28 -16.54
CA GLU D 316 4.05 -9.93 -16.16
C GLU D 316 4.91 -9.29 -17.24
N LYS D 317 5.79 -10.09 -17.84
CA LYS D 317 6.67 -9.60 -18.89
C LYS D 317 5.89 -8.99 -20.05
N ASP D 318 4.75 -9.59 -20.40
CA ASP D 318 3.94 -9.07 -21.49
C ASP D 318 3.51 -7.64 -21.16
N VAL D 319 3.14 -7.42 -19.89
CA VAL D 319 2.71 -6.09 -19.47
C VAL D 319 3.84 -5.09 -19.70
N PHE D 320 5.04 -5.43 -19.26
CA PHE D 320 6.19 -4.53 -19.45
C PHE D 320 6.43 -4.31 -20.93
N ARG D 321 6.41 -5.40 -21.69
CA ARG D 321 6.65 -5.32 -23.13
C ARG D 321 5.67 -4.37 -23.81
N LEU D 322 4.38 -4.64 -23.65
CA LEU D 322 3.34 -3.82 -24.26
C LEU D 322 3.46 -2.35 -23.89
N LEU D 323 4.11 -2.07 -22.77
CA LEU D 323 4.29 -0.69 -22.35
C LEU D 323 5.67 -0.21 -22.77
N GLY D 324 6.36 -1.03 -23.57
CA GLY D 324 7.68 -0.68 -24.06
C GLY D 324 8.68 -0.45 -22.93
N LEU D 325 8.58 -1.27 -21.89
CA LEU D 325 9.47 -1.14 -20.74
C LEU D 325 10.30 -2.38 -20.51
N PRO D 326 11.55 -2.21 -20.07
CA PRO D 326 12.38 -3.39 -19.83
C PRO D 326 11.82 -4.09 -18.58
N TYR D 327 11.77 -5.41 -18.62
CA TYR D 327 11.23 -6.16 -17.50
C TYR D 327 12.02 -5.91 -16.22
N ARG D 328 11.32 -5.93 -15.09
CA ARG D 328 11.96 -5.71 -13.80
C ARG D 328 11.56 -6.79 -12.82
N GLU D 329 12.55 -7.41 -12.20
CA GLU D 329 12.28 -8.44 -11.21
C GLU D 329 11.57 -7.73 -10.06
N PRO D 330 10.73 -8.47 -9.30
CA PRO D 330 10.01 -7.85 -8.18
C PRO D 330 10.88 -6.95 -7.33
N ALA D 331 12.09 -7.42 -7.00
CA ALA D 331 13.02 -6.65 -6.19
C ALA D 331 13.39 -5.31 -6.80
N GLU D 332 13.25 -5.20 -8.12
CA GLU D 332 13.57 -3.96 -8.81
C GLU D 332 12.36 -3.03 -8.93
N ARG D 333 11.27 -3.41 -8.27
CA ARG D 333 10.04 -2.61 -8.30
C ARG D 333 9.79 -1.99 -6.91
N ASP D 334 10.77 -2.11 -6.03
CA ASP D 334 10.64 -1.59 -4.66
C ASP D 334 10.80 -0.07 -4.59
N TRP D 335 9.90 0.64 -5.25
CA TRP D 335 9.94 2.09 -5.27
C TRP D 335 9.29 2.70 -4.03
MG MG E . 1.94 -6.07 2.40
NA NA F . -5.58 4.60 9.65
NA NA G . -18.25 -9.23 6.37
NA NA H . -1.64 -5.61 2.11
PA TTP I . 0.72 -3.31 0.97
O1A TTP I . 0.71 -4.62 1.65
O2A TTP I . 0.16 -2.13 1.65
O3A TTP I . 2.14 -2.97 0.56
PB TTP I . 3.44 -3.72 0.75
O1B TTP I . 3.16 -5.16 1.00
O2B TTP I . 4.27 -3.33 -0.40
O3B TTP I . 4.14 -3.17 1.97
PG TTP I . 4.02 -3.67 3.39
O1G TTP I . 5.13 -4.63 3.62
O2G TTP I . 3.91 -2.47 4.27
O3G TTP I . 2.76 -4.43 3.56
O5' TTP I . -0.11 -3.47 -0.39
C5' TTP I . 0.02 -4.65 -1.19
C4' TTP I . 0.23 -4.26 -2.63
O4' TTP I . -0.95 -3.58 -3.14
C3' TTP I . 1.35 -3.27 -2.88
O3' TTP I . 2.62 -3.93 -2.93
C2' TTP I . 0.95 -2.67 -4.23
C1' TTP I . -0.57 -2.61 -4.09
N1 TTP I . -1.03 -1.28 -3.60
C2 TTP I . -1.37 -0.34 -4.53
O2 TTP I . -1.31 -0.55 -5.73
N3 TTP I . -1.78 0.87 -4.02
C4 TTP I . -1.86 1.21 -2.68
O4 TTP I . -2.23 2.33 -2.38
C5 TTP I . -1.49 0.17 -1.76
C5M TTP I . -1.53 0.46 -0.29
C6 TTP I . -1.10 -1.02 -2.25
#